data_3FUJ
#
_entry.id   3FUJ
#
_cell.length_a   78.516
_cell.length_b   87.395
_cell.length_c   99.609
_cell.angle_alpha   90.00
_cell.angle_beta   90.00
_cell.angle_gamma   90.00
#
_symmetry.space_group_name_H-M   'P 21 21 21'
#
loop_
_entity.id
_entity.type
_entity.pdbx_description
1 polymer 'Leukotriene A-4 hydrolase'
2 non-polymer 'ZINC ION'
3 non-polymer 'YTTERBIUM (III) ION'
4 non-polymer 5-[2-(1H-pyrrol-1-yl)ethoxy]-1H-indole
5 non-polymer 'ACETATE ION'
6 non-polymer IMIDAZOLE
7 water water
#
_entity_poly.entity_id   1
_entity_poly.type   'polypeptide(L)'
_entity_poly.pdbx_seq_one_letter_code
;MPEIVDTCSLASPASVCRTKHLHLRCSVDFTRRTLTGTAALTVQSQEDNLRSLVLDTKDLTIEKVVINGQEVKYALGERQ
SYKGSPMEISLPIALSKNQEIVIEISFETSPKSSALQWLTPEQTSGKEHPYLFSQCQAIHCRAILPCQDTPSVKLTYTAE
VSVPKELVALMSAIRDGETPDPEDPSRKIYKFIQKVPIPCYLIALVVGALESRQIGPRTLVWSEKEQVEKSAYEFSETES
MLKIAEDLGGPYVWGQYDLLVLPPSFPYGGMENPCLTFVTPTLLAGDKSLSNVIAHEISHSWTGNLVTNKTWDHFWLNEG
HTVYLERHICGRLFGEKFRHFNALGGWGELQNSVKTFGETHPFTKLVVDLTDIDPDVAYSSVPYEKGFALLFYLEQLLGG
PEIFLGFLKAYVEKFSYKSITTDDWKDFLYSYFKDKVDVLNQVDWNAWLYSPGLPPIKPNYDMTLTNACIALSQRWITAK
EDDLNSFNATDLKDLSSHQLNEFLAQTLQRAPLPLGHIKRMQEVYNFNAINNSEIRFRWLRLCIQSKWEDAIPLALKMAT
EQGRMKFTRPLFKDLAAFDKSHDQAVRTYQEHKASMHPVTAMLVGKDLKVD
;
_entity_poly.pdbx_strand_id   A
#
loop_
_chem_comp.id
_chem_comp.type
_chem_comp.name
_chem_comp.formula
00G non-polymer 5-[2-(1H-pyrrol-1-yl)ethoxy]-1H-indole 'C14 H14 N2 O'
ACT non-polymer 'ACETATE ION' 'C2 H3 O2 -1'
IMD non-polymer IMIDAZOLE 'C3 H5 N2 1'
YB non-polymer 'YTTERBIUM (III) ION' 'Yb 3'
ZN non-polymer 'ZINC ION' 'Zn 2'
#
# COMPACT_ATOMS: atom_id res chain seq x y z
N VAL A 5 -8.77 -18.95 -10.50
CA VAL A 5 -10.06 -18.37 -9.95
C VAL A 5 -9.84 -17.20 -8.98
N ASP A 6 -10.31 -16.02 -9.38
CA ASP A 6 -10.18 -14.84 -8.52
C ASP A 6 -11.44 -14.70 -7.66
N THR A 7 -11.36 -15.22 -6.44
CA THR A 7 -12.52 -15.24 -5.56
C THR A 7 -12.86 -13.86 -4.94
N CYS A 8 -12.14 -12.80 -5.33
CA CYS A 8 -12.47 -11.42 -4.89
C CYS A 8 -13.26 -10.65 -5.96
N SER A 9 -13.44 -11.24 -7.14
CA SER A 9 -14.06 -10.55 -8.26
C SER A 9 -15.32 -11.32 -8.72
N LEU A 10 -16.35 -10.56 -9.08
CA LEU A 10 -17.59 -11.13 -9.60
C LEU A 10 -17.64 -10.99 -11.12
N ALA A 11 -16.61 -10.40 -11.72
CA ALA A 11 -16.59 -10.17 -13.18
C ALA A 11 -16.31 -11.46 -13.98
N SER A 12 -16.58 -11.45 -15.29
CA SER A 12 -16.13 -12.57 -16.15
C SER A 12 -14.62 -12.68 -16.03
N PRO A 13 -14.10 -13.90 -15.92
CA PRO A 13 -12.65 -14.02 -15.79
C PRO A 13 -11.91 -13.85 -17.12
N ALA A 14 -10.59 -13.81 -17.04
CA ALA A 14 -9.71 -13.57 -18.17
C ALA A 14 -9.82 -14.68 -19.21
N SER A 15 -10.21 -15.87 -18.79
CA SER A 15 -10.38 -16.95 -19.76
C SER A 15 -11.63 -16.75 -20.66
N VAL A 16 -12.52 -15.85 -20.27
CA VAL A 16 -13.78 -15.58 -21.01
C VAL A 16 -13.64 -14.32 -21.90
N CYS A 17 -13.18 -13.21 -21.31
CA CYS A 17 -12.93 -11.99 -22.07
C CYS A 17 -11.88 -11.18 -21.33
N ARG A 18 -11.23 -10.28 -22.05
CA ARG A 18 -10.36 -9.37 -21.37
C ARG A 18 -10.32 -7.96 -21.86
N THR A 19 -10.33 -7.04 -20.89
CA THR A 19 -10.23 -5.62 -21.19
C THR A 19 -8.79 -5.31 -21.67
N LYS A 20 -8.70 -4.69 -22.86
CA LYS A 20 -7.40 -4.27 -23.42
C LYS A 20 -7.10 -2.79 -23.12
N HIS A 21 -8.16 -2.00 -23.00
CA HIS A 21 -8.01 -0.53 -22.86
C HIS A 21 -9.25 0.06 -22.18
N LEU A 22 -9.04 1.12 -21.42
CA LEU A 22 -10.09 1.94 -20.85
C LEU A 22 -9.89 3.38 -21.30
N HIS A 23 -10.93 3.97 -21.86
CA HIS A 23 -10.91 5.42 -22.01
C HIS A 23 -11.89 6.06 -21.03
N LEU A 24 -11.40 6.81 -20.06
CA LEU A 24 -12.21 7.39 -19.03
C LEU A 24 -12.46 8.88 -19.27
N ARG A 25 -13.71 9.27 -19.38
CA ARG A 25 -14.03 10.69 -19.52
C ARG A 25 -14.93 11.03 -18.37
N CYS A 26 -14.45 11.84 -17.43
CA CYS A 26 -15.26 12.13 -16.24
C CYS A 26 -15.09 13.57 -15.74
N SER A 27 -15.98 13.95 -14.82
CA SER A 27 -15.98 15.25 -14.20
C SER A 27 -16.11 15.02 -12.69
N VAL A 28 -15.30 15.75 -11.93
CA VAL A 28 -15.26 15.63 -10.48
C VAL A 28 -16.15 16.72 -9.90
N ASP A 29 -17.25 16.33 -9.26
CA ASP A 29 -18.18 17.30 -8.69
C ASP A 29 -18.04 17.38 -7.17
N PHE A 30 -17.36 18.43 -6.69
CA PHE A 30 -17.14 18.58 -5.26
C PHE A 30 -18.44 18.94 -4.50
N THR A 31 -19.39 19.56 -5.19
CA THR A 31 -20.66 19.93 -4.52
C THR A 31 -21.39 18.64 -4.17
N ARG A 32 -21.42 17.68 -5.09
CA ARG A 32 -22.12 16.43 -4.85
C ARG A 32 -21.26 15.26 -4.32
N ARG A 33 -19.94 15.48 -4.30
CA ARG A 33 -18.96 14.42 -4.00
C ARG A 33 -19.22 13.20 -4.93
N THR A 34 -19.35 13.47 -6.23
CA THR A 34 -19.48 12.37 -7.20
C THR A 34 -18.49 12.56 -8.36
N LEU A 35 -18.06 11.44 -8.96
CA LEU A 35 -17.43 11.48 -10.26
C LEU A 35 -18.48 10.94 -11.21
N THR A 36 -18.69 11.65 -12.32
CA THR A 36 -19.71 11.30 -13.31
C THR A 36 -19.05 11.28 -14.68
N GLY A 37 -19.42 10.32 -15.51
CA GLY A 37 -18.87 10.31 -16.86
C GLY A 37 -19.08 8.98 -17.55
N THR A 38 -18.14 8.64 -18.43
CA THR A 38 -18.20 7.43 -19.22
C THR A 38 -16.89 6.64 -19.11
N ALA A 39 -17.03 5.34 -18.98
CA ALA A 39 -15.90 4.44 -19.04
C ALA A 39 -16.11 3.63 -20.34
N ALA A 40 -15.25 3.86 -21.32
CA ALA A 40 -15.25 3.09 -22.57
C ALA A 40 -14.21 1.96 -22.51
N LEU A 41 -14.69 0.72 -22.38
CA LEU A 41 -13.82 -0.44 -22.22
C LEU A 41 -13.67 -1.17 -23.56
N THR A 42 -12.43 -1.32 -24.04
CA THR A 42 -12.20 -2.10 -25.25
C THR A 42 -11.99 -3.51 -24.77
N VAL A 43 -12.89 -4.42 -25.17
CA VAL A 43 -12.90 -5.78 -24.61
C VAL A 43 -12.67 -6.81 -25.73
N GLN A 44 -11.79 -7.76 -25.46
CA GLN A 44 -11.49 -8.82 -26.41
C GLN A 44 -12.06 -10.15 -25.94
N SER A 45 -12.90 -10.76 -26.78
CA SER A 45 -13.47 -12.05 -26.43
C SER A 45 -12.41 -13.13 -26.42
N GLN A 46 -12.47 -14.05 -25.45
CA GLN A 46 -11.56 -15.18 -25.48
C GLN A 46 -12.32 -16.45 -25.83
N GLU A 47 -13.60 -16.31 -26.16
CA GLU A 47 -14.48 -17.47 -26.40
C GLU A 47 -15.19 -17.31 -27.73
N ASP A 48 -15.55 -18.44 -28.34
CA ASP A 48 -16.49 -18.40 -29.45
C ASP A 48 -17.89 -18.09 -28.95
N ASN A 49 -18.68 -17.37 -29.76
CA ASN A 49 -20.11 -17.22 -29.52
C ASN A 49 -20.37 -16.52 -28.18
N LEU A 50 -19.63 -15.45 -27.92
CA LEU A 50 -19.78 -14.79 -26.62
C LEU A 50 -20.93 -13.81 -26.70
N ARG A 51 -21.92 -13.97 -25.83
CA ARG A 51 -23.13 -13.15 -25.96
C ARG A 51 -23.40 -12.24 -24.76
N SER A 52 -22.67 -12.45 -23.66
CA SER A 52 -22.81 -11.60 -22.51
C SER A 52 -21.49 -11.59 -21.72
N LEU A 53 -21.39 -10.65 -20.80
CA LEU A 53 -20.28 -10.66 -19.87
C LEU A 53 -20.65 -9.87 -18.62
N VAL A 54 -19.86 -10.05 -17.55
CA VAL A 54 -20.17 -9.46 -16.27
C VAL A 54 -18.99 -8.57 -15.78
N LEU A 55 -19.34 -7.38 -15.26
CA LEU A 55 -18.32 -6.48 -14.70
C LEU A 55 -18.57 -6.32 -13.18
N ASP A 56 -17.50 -5.96 -12.47
CA ASP A 56 -17.59 -5.60 -11.06
C ASP A 56 -18.08 -4.16 -10.95
N THR A 57 -18.95 -3.89 -9.97
CA THR A 57 -19.29 -2.51 -9.60
C THR A 57 -19.43 -2.43 -8.08
N LYS A 58 -19.35 -1.22 -7.54
CA LYS A 58 -19.65 -1.08 -6.12
C LYS A 58 -20.20 0.29 -5.84
N ASP A 59 -21.46 0.32 -5.44
CA ASP A 59 -22.11 1.62 -5.12
C ASP A 59 -22.05 2.56 -6.31
N LEU A 60 -22.18 2.03 -7.54
CA LEU A 60 -22.23 2.86 -8.73
C LEU A 60 -23.66 3.00 -9.24
N THR A 61 -24.00 4.16 -9.77
CA THR A 61 -25.28 4.38 -10.45
C THR A 61 -25.03 4.29 -11.95
N ILE A 62 -25.67 3.33 -12.63
CA ILE A 62 -25.48 3.17 -14.07
C ILE A 62 -26.61 3.86 -14.79
N GLU A 63 -26.28 4.79 -15.68
CA GLU A 63 -27.27 5.50 -16.51
C GLU A 63 -27.61 4.73 -17.79
N LYS A 64 -26.58 4.25 -18.51
CA LYS A 64 -26.82 3.46 -19.72
C LYS A 64 -25.53 2.76 -20.15
N VAL A 65 -25.71 1.81 -21.09
CA VAL A 65 -24.60 1.11 -21.70
C VAL A 65 -24.76 1.13 -23.21
N VAL A 66 -23.72 1.60 -23.89
CA VAL A 66 -23.79 1.79 -25.33
C VAL A 66 -22.72 1.00 -26.07
N ILE A 67 -23.16 0.26 -27.11
CA ILE A 67 -22.28 -0.51 -27.97
C ILE A 67 -22.79 -0.30 -29.40
N ASN A 68 -21.87 -0.01 -30.32
CA ASN A 68 -22.23 0.26 -31.73
C ASN A 68 -23.23 1.41 -31.85
N GLY A 69 -23.17 2.39 -30.95
CA GLY A 69 -24.06 3.55 -31.00
C GLY A 69 -25.50 3.35 -30.48
N GLN A 70 -25.80 2.16 -29.97
CA GLN A 70 -27.13 1.86 -29.41
C GLN A 70 -27.04 1.47 -27.95
N GLU A 71 -28.05 1.84 -27.18
CA GLU A 71 -28.22 1.33 -25.82
C GLU A 71 -28.51 -0.17 -25.81
N VAL A 72 -27.90 -0.88 -24.88
CA VAL A 72 -28.07 -2.32 -24.78
C VAL A 72 -28.59 -2.67 -23.41
N LYS A 73 -29.13 -3.88 -23.25
CA LYS A 73 -29.63 -4.31 -21.96
C LYS A 73 -28.50 -4.69 -20.99
N TYR A 74 -28.71 -4.37 -19.70
CA TYR A 74 -27.79 -4.77 -18.64
C TYR A 74 -28.62 -4.99 -17.38
N ALA A 75 -28.06 -5.70 -16.42
CA ALA A 75 -28.73 -5.98 -15.14
C ALA A 75 -27.71 -5.95 -14.01
N LEU A 76 -28.07 -5.34 -12.91
CA LEU A 76 -27.26 -5.34 -11.71
C LEU A 76 -27.77 -6.38 -10.72
N GLY A 77 -26.92 -7.32 -10.36
CA GLY A 77 -27.28 -8.36 -9.41
C GLY A 77 -27.30 -7.83 -7.98
N GLU A 78 -27.67 -8.70 -7.05
CA GLU A 78 -27.75 -8.38 -5.61
C GLU A 78 -26.35 -8.03 -5.08
N ARG A 79 -26.26 -7.09 -4.15
CA ARG A 79 -24.95 -6.78 -3.58
C ARG A 79 -24.40 -7.95 -2.77
N GLN A 80 -23.11 -8.22 -2.93
CA GLN A 80 -22.47 -9.29 -2.17
C GLN A 80 -21.48 -8.63 -1.24
N SER A 81 -21.99 -7.91 -0.24
CA SER A 81 -21.14 -7.28 0.76
C SER A 81 -20.00 -6.44 0.15
N TYR A 82 -18.77 -6.62 0.65
CA TYR A 82 -17.60 -5.81 0.23
C TYR A 82 -17.21 -6.03 -1.25
N LYS A 83 -17.75 -7.08 -1.88
CA LYS A 83 -17.45 -7.32 -3.31
C LYS A 83 -18.28 -6.43 -4.23
N GLY A 84 -19.34 -5.82 -3.69
CA GLY A 84 -20.25 -5.01 -4.52
C GLY A 84 -21.27 -5.85 -5.29
N SER A 85 -21.71 -5.32 -6.43
CA SER A 85 -22.79 -5.91 -7.24
C SER A 85 -22.30 -6.21 -8.65
N PRO A 86 -22.58 -7.43 -9.16
CA PRO A 86 -22.18 -7.77 -10.51
C PRO A 86 -23.10 -7.11 -11.54
N MET A 87 -22.49 -6.66 -12.64
CA MET A 87 -23.23 -6.05 -13.72
C MET A 87 -23.13 -6.91 -14.99
N GLU A 88 -24.26 -7.52 -15.36
CA GLU A 88 -24.25 -8.35 -16.57
C GLU A 88 -24.69 -7.51 -17.77
N ILE A 89 -23.91 -7.58 -18.85
CA ILE A 89 -24.18 -6.79 -20.04
C ILE A 89 -24.54 -7.72 -21.19
N SER A 90 -25.66 -7.41 -21.86
CA SER A 90 -26.17 -8.20 -22.98
C SER A 90 -25.59 -7.68 -24.30
N LEU A 91 -24.69 -8.46 -24.91
CA LEU A 91 -24.02 -7.99 -26.13
C LEU A 91 -25.02 -8.03 -27.31
N PRO A 92 -25.00 -7.02 -28.18
CA PRO A 92 -26.00 -7.05 -29.24
C PRO A 92 -25.71 -8.05 -30.38
N ILE A 93 -24.44 -8.40 -30.59
CA ILE A 93 -24.06 -9.40 -31.59
C ILE A 93 -23.06 -10.37 -30.94
N ALA A 94 -23.29 -11.68 -31.12
CA ALA A 94 -22.36 -12.66 -30.58
C ALA A 94 -20.94 -12.49 -31.15
N LEU A 95 -19.92 -12.60 -30.29
CA LEU A 95 -18.53 -12.32 -30.69
C LEU A 95 -17.80 -13.61 -30.92
N SER A 96 -16.86 -13.63 -31.87
CA SER A 96 -16.01 -14.78 -32.06
CA SER A 96 -15.98 -14.76 -32.09
C SER A 96 -14.75 -14.58 -31.21
N LYS A 97 -13.98 -15.64 -31.04
CA LYS A 97 -12.78 -15.56 -30.25
C LYS A 97 -11.80 -14.56 -30.86
N ASN A 98 -11.26 -13.69 -29.99
CA ASN A 98 -10.29 -12.63 -30.33
C ASN A 98 -10.92 -11.38 -30.90
N GLN A 99 -12.23 -11.40 -31.12
CA GLN A 99 -12.90 -10.22 -31.64
C GLN A 99 -12.94 -9.15 -30.56
N GLU A 100 -12.73 -7.89 -30.94
CA GLU A 100 -12.76 -6.80 -29.95
C GLU A 100 -13.91 -5.84 -30.16
N ILE A 101 -14.56 -5.42 -29.08
CA ILE A 101 -15.57 -4.35 -29.21
C ILE A 101 -15.33 -3.28 -28.14
N VAL A 102 -15.96 -2.13 -28.32
CA VAL A 102 -15.93 -1.07 -27.32
C VAL A 102 -17.28 -0.92 -26.63
N ILE A 103 -17.28 -1.02 -25.30
CA ILE A 103 -18.49 -0.87 -24.49
C ILE A 103 -18.37 0.43 -23.66
N GLU A 104 -19.28 1.34 -23.94
CA GLU A 104 -19.26 2.66 -23.29
C GLU A 104 -20.33 2.74 -22.16
N ILE A 105 -19.87 2.82 -20.90
CA ILE A 105 -20.82 2.82 -19.79
C ILE A 105 -20.90 4.20 -19.14
N SER A 106 -22.11 4.74 -19.07
CA SER A 106 -22.35 6.02 -18.40
C SER A 106 -22.68 5.71 -16.93
N PHE A 107 -21.92 6.32 -16.00
CA PHE A 107 -22.00 5.96 -14.58
C PHE A 107 -21.76 7.22 -13.72
N GLU A 108 -22.12 7.10 -12.44
CA GLU A 108 -21.75 8.09 -11.46
C GLU A 108 -21.40 7.35 -10.16
N THR A 109 -20.40 7.83 -9.42
CA THR A 109 -20.03 7.17 -8.17
C THR A 109 -20.93 7.65 -7.04
N SER A 110 -20.87 6.96 -5.91
CA SER A 110 -21.54 7.38 -4.66
C SER A 110 -20.57 8.18 -3.81
N PRO A 111 -21.08 9.18 -3.06
CA PRO A 111 -20.21 9.89 -2.08
C PRO A 111 -19.55 8.94 -1.09
N LYS A 112 -20.17 7.79 -0.83
CA LYS A 112 -19.53 6.82 0.06
C LYS A 112 -18.56 5.82 -0.61
N SER A 113 -18.24 6.06 -1.89
CA SER A 113 -17.25 5.23 -2.57
C SER A 113 -16.08 4.86 -1.66
N SER A 114 -15.84 3.58 -1.50
CA SER A 114 -14.77 3.12 -0.63
C SER A 114 -13.37 3.31 -1.29
N ALA A 115 -13.35 3.60 -2.60
CA ALA A 115 -12.09 3.97 -3.28
C ALA A 115 -11.64 5.40 -3.02
N LEU A 116 -12.55 6.24 -2.54
CA LEU A 116 -12.34 7.69 -2.53
C LEU A 116 -12.39 8.31 -1.15
N GLN A 117 -11.54 9.33 -0.92
CA GLN A 117 -11.80 10.24 0.20
C GLN A 117 -11.94 11.67 -0.35
N TRP A 118 -13.06 12.28 0.02
CA TRP A 118 -13.39 13.67 -0.30
C TRP A 118 -13.11 14.50 0.95
N LEU A 119 -12.24 15.50 0.82
CA LEU A 119 -11.84 16.36 1.96
C LEU A 119 -12.40 17.76 1.77
N THR A 120 -12.91 18.37 2.85
CA THR A 120 -13.35 19.77 2.83
C THR A 120 -12.10 20.67 2.83
N PRO A 121 -12.26 21.97 2.52
CA PRO A 121 -11.11 22.86 2.68
C PRO A 121 -10.43 22.79 4.04
N GLU A 122 -11.20 22.68 5.12
CA GLU A 122 -10.59 22.67 6.44
C GLU A 122 -9.69 21.47 6.70
N GLN A 123 -9.90 20.39 5.96
CA GLN A 123 -9.11 19.18 6.11
C GLN A 123 -7.79 19.21 5.31
N THR A 124 -7.54 20.30 4.59
CA THR A 124 -6.33 20.47 3.76
C THR A 124 -5.31 21.43 4.43
N SER A 125 -4.13 21.58 3.83
CA SER A 125 -3.15 22.54 4.34
C SER A 125 -3.53 23.99 4.09
N GLY A 126 -4.05 24.27 2.89
CA GLY A 126 -4.22 25.65 2.45
C GLY A 126 -5.55 26.23 2.95
N LYS A 127 -6.51 25.37 3.26
CA LYS A 127 -7.78 25.77 3.92
C LYS A 127 -8.73 26.54 3.00
N GLU A 128 -8.39 26.66 1.72
CA GLU A 128 -9.25 27.36 0.79
C GLU A 128 -9.98 26.41 -0.15
N HIS A 129 -9.32 25.31 -0.50
CA HIS A 129 -9.90 24.43 -1.52
C HIS A 129 -10.09 23.01 -1.04
N PRO A 130 -11.05 22.29 -1.65
CA PRO A 130 -11.22 20.88 -1.32
C PRO A 130 -10.20 20.01 -2.05
N TYR A 131 -10.28 18.70 -1.82
CA TYR A 131 -9.24 17.78 -2.28
C TYR A 131 -9.90 16.41 -2.37
N LEU A 132 -9.52 15.62 -3.37
CA LEU A 132 -10.02 14.29 -3.56
C LEU A 132 -8.83 13.39 -3.82
N PHE A 133 -8.77 12.19 -3.23
CA PHE A 133 -7.80 11.18 -3.70
C PHE A 133 -8.37 9.77 -3.70
N SER A 134 -7.86 8.93 -4.58
CA SER A 134 -8.31 7.55 -4.70
C SER A 134 -7.28 6.57 -4.11
N GLN A 135 -7.74 5.37 -3.83
CA GLN A 135 -6.85 4.25 -3.47
C GLN A 135 -7.60 2.98 -3.83
N CYS A 136 -7.21 2.39 -4.96
CA CYS A 136 -7.96 1.24 -5.50
C CYS A 136 -7.53 -0.11 -4.96
N GLN A 137 -6.27 -0.23 -4.54
CA GLN A 137 -5.82 -1.58 -4.08
C GLN A 137 -6.56 -1.94 -2.78
N ALA A 138 -7.08 -3.17 -2.63
CA ALA A 138 -7.05 -4.25 -3.65
C ALA A 138 -8.21 -4.19 -4.62
N ILE A 139 -9.44 -4.09 -4.08
CA ILE A 139 -10.64 -4.26 -4.88
C ILE A 139 -11.62 -3.05 -4.79
N HIS A 140 -11.04 -1.85 -4.88
CA HIS A 140 -11.85 -0.62 -4.82
C HIS A 140 -11.98 0.07 -6.17
N CYS A 141 -11.26 -0.38 -7.20
CA CYS A 141 -11.45 0.29 -8.50
C CYS A 141 -12.95 0.16 -8.95
N ARG A 142 -13.58 -0.94 -8.58
CA ARG A 142 -15.01 -1.15 -8.89
C ARG A 142 -15.94 -0.13 -8.25
N ALA A 143 -15.45 0.57 -7.22
CA ALA A 143 -16.22 1.63 -6.59
C ALA A 143 -15.96 2.99 -7.27
N ILE A 144 -15.12 2.99 -8.31
CA ILE A 144 -14.99 4.18 -9.15
C ILE A 144 -15.63 4.00 -10.54
N LEU A 145 -15.45 2.82 -11.14
CA LEU A 145 -15.97 2.63 -12.48
C LEU A 145 -16.20 1.13 -12.72
N PRO A 146 -17.13 0.79 -13.61
CA PRO A 146 -17.30 -0.65 -13.86
C PRO A 146 -16.08 -1.24 -14.61
N CYS A 147 -15.58 -2.39 -14.15
CA CYS A 147 -14.39 -3.01 -14.73
C CYS A 147 -14.30 -4.48 -14.28
N GLN A 148 -13.42 -5.24 -14.95
CA GLN A 148 -13.01 -6.56 -14.47
C GLN A 148 -11.97 -6.33 -13.38
N ASP A 149 -12.45 -6.27 -12.12
CA ASP A 149 -11.61 -5.77 -11.00
C ASP A 149 -10.80 -6.90 -10.41
N THR A 150 -9.82 -7.35 -11.21
CA THR A 150 -8.96 -8.48 -10.89
C THR A 150 -7.59 -8.17 -11.47
N PRO A 151 -6.52 -8.49 -10.74
CA PRO A 151 -5.16 -8.18 -11.24
C PRO A 151 -4.68 -9.18 -12.28
N SER A 152 -5.54 -10.15 -12.62
CA SER A 152 -5.24 -11.14 -13.66
C SER A 152 -5.45 -10.56 -15.08
N VAL A 153 -5.98 -9.34 -15.13
CA VAL A 153 -6.24 -8.65 -16.41
C VAL A 153 -5.43 -7.34 -16.44
N LYS A 154 -4.67 -7.10 -17.54
CA LYS A 154 -3.92 -5.84 -17.71
C LYS A 154 -4.37 -5.08 -18.95
N LEU A 155 -4.45 -3.76 -18.79
CA LEU A 155 -5.02 -2.90 -19.81
C LEU A 155 -4.25 -1.60 -19.85
N THR A 156 -4.21 -0.96 -21.02
CA THR A 156 -3.73 0.44 -21.08
C THR A 156 -4.90 1.39 -20.83
N TYR A 157 -4.62 2.67 -20.59
CA TYR A 157 -5.69 3.63 -20.44
C TYR A 157 -5.38 5.06 -20.82
N THR A 158 -6.47 5.76 -21.17
CA THR A 158 -6.41 7.21 -21.43
C THR A 158 -7.53 7.84 -20.64
N ALA A 159 -7.39 9.13 -20.27
CA ALA A 159 -8.44 9.76 -19.48
C ALA A 159 -8.43 11.27 -19.71
N GLU A 160 -9.62 11.84 -19.55
CA GLU A 160 -9.88 13.27 -19.62
C GLU A 160 -10.70 13.60 -18.39
N VAL A 161 -10.20 14.49 -17.55
CA VAL A 161 -10.84 14.70 -16.26
C VAL A 161 -11.15 16.19 -16.10
N SER A 162 -12.44 16.52 -15.98
CA SER A 162 -12.83 17.91 -15.79
C SER A 162 -12.91 18.25 -14.29
N VAL A 163 -12.26 19.35 -13.91
CA VAL A 163 -12.18 19.78 -12.53
C VAL A 163 -12.33 21.30 -12.46
N PRO A 164 -12.71 21.84 -11.30
CA PRO A 164 -12.72 23.31 -11.13
C PRO A 164 -11.37 23.87 -11.56
N LYS A 165 -11.38 24.99 -12.29
CA LYS A 165 -10.16 25.44 -12.96
C LYS A 165 -9.01 25.87 -12.06
N GLU A 166 -9.33 26.19 -10.80
CA GLU A 166 -8.27 26.55 -9.87
C GLU A 166 -7.58 25.33 -9.25
N LEU A 167 -8.09 24.11 -9.53
CA LEU A 167 -7.47 22.87 -9.06
C LEU A 167 -6.69 22.11 -10.15
N VAL A 168 -5.92 21.10 -9.72
CA VAL A 168 -5.07 20.30 -10.60
C VAL A 168 -5.44 18.81 -10.42
N ALA A 169 -5.56 18.10 -11.53
CA ALA A 169 -5.75 16.67 -11.50
C ALA A 169 -4.44 16.00 -11.90
N LEU A 170 -4.13 14.87 -11.23
CA LEU A 170 -3.05 13.99 -11.62
C LEU A 170 -3.55 12.57 -11.57
N MET A 171 -2.97 11.72 -12.42
CA MET A 171 -3.29 10.28 -12.45
C MET A 171 -2.02 9.43 -12.52
N SER A 172 -2.20 8.11 -12.45
CA SER A 172 -1.07 7.14 -12.60
C SER A 172 -0.74 6.91 -14.08
N ALA A 173 -0.22 7.95 -14.71
CA ALA A 173 -0.14 8.02 -16.16
C ALA A 173 0.71 9.23 -16.53
N ILE A 174 1.13 9.30 -17.79
CA ILE A 174 1.83 10.49 -18.28
C ILE A 174 0.85 11.65 -18.57
N ARG A 175 1.20 12.86 -18.13
CA ARG A 175 0.36 14.02 -18.31
C ARG A 175 0.33 14.35 -19.79
N ASP A 176 -0.87 14.53 -20.34
CA ASP A 176 -0.99 14.68 -21.79
C ASP A 176 -1.69 16.00 -22.16
N GLY A 177 -1.52 17.04 -21.34
CA GLY A 177 -2.08 18.37 -21.64
C GLY A 177 -3.25 18.82 -20.78
N GLU A 178 -3.59 20.10 -20.88
CA GLU A 178 -4.74 20.65 -20.18
C GLU A 178 -5.43 21.70 -21.07
N THR A 179 -6.75 21.81 -20.99
CA THR A 179 -7.46 22.90 -21.69
C THR A 179 -8.63 23.38 -20.86
N PRO A 180 -9.18 24.56 -21.18
CA PRO A 180 -10.47 24.89 -20.57
C PRO A 180 -11.54 23.89 -21.01
N ASP A 181 -12.53 23.66 -20.15
CA ASP A 181 -13.66 22.79 -20.48
C ASP A 181 -14.68 23.54 -21.37
N PRO A 182 -14.84 23.12 -22.64
CA PRO A 182 -15.88 23.75 -23.49
C PRO A 182 -17.31 23.69 -22.94
N GLU A 183 -17.63 22.70 -22.12
CA GLU A 183 -18.98 22.60 -21.56
C GLU A 183 -19.19 23.49 -20.32
N ASP A 184 -18.10 24.07 -19.79
CA ASP A 184 -18.16 24.84 -18.53
C ASP A 184 -16.83 25.55 -18.31
N PRO A 185 -16.74 26.84 -18.70
CA PRO A 185 -15.56 27.69 -18.53
C PRO A 185 -15.06 27.88 -17.08
N SER A 186 -15.83 27.44 -16.08
CA SER A 186 -15.31 27.50 -14.70
C SER A 186 -14.40 26.28 -14.43
N ARG A 187 -14.24 25.43 -15.45
CA ARG A 187 -13.51 24.15 -15.32
C ARG A 187 -12.32 23.99 -16.29
N LYS A 188 -11.41 23.08 -15.94
CA LYS A 188 -10.31 22.69 -16.81
C LYS A 188 -10.42 21.19 -17.07
N ILE A 189 -9.97 20.75 -18.23
CA ILE A 189 -9.87 19.31 -18.54
C ILE A 189 -8.38 18.92 -18.56
N TYR A 190 -8.01 17.94 -17.74
CA TYR A 190 -6.66 17.44 -17.70
C TYR A 190 -6.71 16.10 -18.40
N LYS A 191 -5.70 15.82 -19.22
CA LYS A 191 -5.63 14.59 -20.01
C LYS A 191 -4.43 13.75 -19.64
N PHE A 192 -4.60 12.44 -19.79
CA PHE A 192 -3.62 11.44 -19.33
C PHE A 192 -3.50 10.22 -20.27
N ILE A 193 -2.29 9.64 -20.34
CA ILE A 193 -2.06 8.39 -21.08
C ILE A 193 -1.11 7.40 -20.38
N GLN A 194 -1.60 6.17 -20.19
CA GLN A 194 -0.79 5.11 -19.63
C GLN A 194 -0.65 4.05 -20.72
N LYS A 195 0.54 4.05 -21.34
CA LYS A 195 0.79 3.27 -22.56
C LYS A 195 1.28 1.87 -22.17
N VAL A 196 1.62 1.68 -20.90
CA VAL A 196 2.06 0.37 -20.40
C VAL A 196 0.83 -0.35 -19.77
N PRO A 197 0.56 -1.62 -20.15
CA PRO A 197 -0.60 -2.36 -19.64
C PRO A 197 -0.48 -2.57 -18.14
N ILE A 198 -1.54 -2.24 -17.42
CA ILE A 198 -1.54 -2.36 -15.97
C ILE A 198 -2.80 -3.05 -15.46
N PRO A 199 -2.72 -3.66 -14.26
CA PRO A 199 -3.92 -4.13 -13.59
C PRO A 199 -4.70 -2.92 -13.09
N CYS A 200 -6.03 -3.02 -13.05
CA CYS A 200 -6.84 -1.86 -12.75
C CYS A 200 -6.64 -1.33 -11.30
N TYR A 201 -6.07 -2.12 -10.38
CA TYR A 201 -5.88 -1.58 -9.01
C TYR A 201 -4.84 -0.44 -8.97
N LEU A 202 -4.15 -0.25 -10.09
CA LEU A 202 -3.08 0.78 -10.22
C LEU A 202 -3.61 2.10 -10.83
N ILE A 203 -4.91 2.10 -11.18
CA ILE A 203 -5.56 3.32 -11.65
C ILE A 203 -5.66 4.26 -10.44
N ALA A 204 -5.22 5.50 -10.61
CA ALA A 204 -5.25 6.43 -9.46
C ALA A 204 -5.53 7.85 -9.94
N LEU A 205 -6.15 8.64 -9.07
CA LEU A 205 -6.50 10.03 -9.32
C LEU A 205 -6.41 10.88 -8.06
N VAL A 206 -5.88 12.09 -8.22
CA VAL A 206 -5.93 13.08 -7.15
C VAL A 206 -6.40 14.38 -7.76
N VAL A 207 -7.22 15.12 -7.03
CA VAL A 207 -7.60 16.46 -7.46
C VAL A 207 -7.46 17.43 -6.28
N GLY A 208 -6.67 18.48 -6.45
CA GLY A 208 -6.47 19.45 -5.36
C GLY A 208 -5.61 20.63 -5.76
N ALA A 209 -5.31 21.49 -4.78
CA ALA A 209 -4.43 22.64 -5.00
C ALA A 209 -2.96 22.25 -4.94
N LEU A 210 -2.48 21.62 -6.00
CA LEU A 210 -1.17 21.00 -6.01
C LEU A 210 -0.14 21.87 -6.72
N GLU A 211 1.07 21.89 -6.18
CA GLU A 211 2.21 22.57 -6.81
C GLU A 211 3.28 21.51 -6.95
N SER A 212 4.31 21.78 -7.75
CA SER A 212 5.37 20.78 -8.00
C SER A 212 6.76 21.39 -7.94
N ARG A 213 7.73 20.54 -7.60
CA ARG A 213 9.15 20.91 -7.64
C ARG A 213 9.96 19.77 -8.18
N GLN A 214 10.90 20.10 -9.08
CA GLN A 214 11.71 19.02 -9.65
C GLN A 214 12.79 18.67 -8.64
N ILE A 215 13.02 17.37 -8.44
CA ILE A 215 14.07 16.92 -7.49
C ILE A 215 15.04 15.93 -8.15
N GLY A 216 14.83 15.58 -9.42
CA GLY A 216 15.78 14.70 -10.15
C GLY A 216 15.42 14.77 -11.63
N PRO A 217 16.19 14.07 -12.50
CA PRO A 217 15.99 14.13 -13.96
C PRO A 217 14.65 13.60 -14.45
N ARG A 218 14.03 12.67 -13.70
CA ARG A 218 12.72 12.13 -14.04
C ARG A 218 11.70 12.19 -12.89
N THR A 219 11.83 13.16 -11.98
CA THR A 219 11.00 13.17 -10.74
C THR A 219 10.64 14.58 -10.32
N LEU A 220 9.33 14.82 -10.23
CA LEU A 220 8.80 15.99 -9.55
C LEU A 220 8.17 15.48 -8.27
N VAL A 221 8.26 16.27 -7.20
CA VAL A 221 7.42 16.05 -6.04
C VAL A 221 6.22 16.98 -6.15
N TRP A 222 5.03 16.45 -5.89
CA TRP A 222 3.77 17.23 -5.90
C TRP A 222 3.16 17.23 -4.49
N SER A 223 2.68 18.39 -4.03
CA SER A 223 1.95 18.48 -2.77
C SER A 223 1.25 19.83 -2.73
N GLU A 224 0.54 20.09 -1.63
CA GLU A 224 0.09 21.47 -1.40
C GLU A 224 1.31 22.32 -1.13
N LYS A 225 1.20 23.62 -1.41
CA LYS A 225 2.36 24.52 -1.36
C LYS A 225 3.10 24.43 -0.03
N GLU A 226 2.36 24.30 1.08
CA GLU A 226 2.92 24.26 2.43
C GLU A 226 3.92 23.10 2.66
N GLN A 227 3.79 22.04 1.86
CA GLN A 227 4.64 20.87 2.04
C GLN A 227 5.71 20.71 0.98
N VAL A 228 5.71 21.55 -0.06
CA VAL A 228 6.67 21.31 -1.14
C VAL A 228 8.17 21.30 -0.74
N GLU A 229 8.63 22.35 -0.04
CA GLU A 229 10.07 22.49 0.28
C GLU A 229 10.52 21.32 1.16
N LYS A 230 9.75 21.01 2.19
CA LYS A 230 10.11 19.89 3.05
C LYS A 230 10.16 18.54 2.32
N SER A 231 9.18 18.32 1.44
CA SER A 231 9.09 17.04 0.70
C SER A 231 10.30 16.93 -0.27
N ALA A 232 10.66 18.05 -0.89
CA ALA A 232 11.80 18.07 -1.81
C ALA A 232 13.08 17.57 -1.15
N TYR A 233 13.34 18.06 0.06
CA TYR A 233 14.49 17.65 0.82
C TYR A 233 14.35 16.18 1.28
N GLU A 234 13.21 15.85 1.86
CA GLU A 234 13.01 14.51 2.46
C GLU A 234 13.26 13.40 1.46
N PHE A 235 12.84 13.63 0.21
CA PHE A 235 12.89 12.56 -0.78
C PHE A 235 13.99 12.76 -1.80
N SER A 236 15.02 13.55 -1.44
CA SER A 236 16.06 13.85 -2.44
C SER A 236 16.91 12.65 -2.88
N GLU A 237 16.86 11.55 -2.13
CA GLU A 237 17.58 10.33 -2.54
C GLU A 237 16.89 9.56 -3.67
N THR A 238 15.72 10.05 -4.11
CA THR A 238 14.88 9.29 -5.07
C THR A 238 15.62 8.86 -6.37
N GLU A 239 16.25 9.82 -7.04
CA GLU A 239 17.03 9.45 -8.24
C GLU A 239 18.14 8.39 -7.99
N SER A 240 18.93 8.54 -6.91
CA SER A 240 19.96 7.55 -6.62
C SER A 240 19.35 6.14 -6.39
N MET A 241 18.20 6.09 -5.74
CA MET A 241 17.49 4.82 -5.55
C MET A 241 16.95 4.26 -6.85
N LEU A 242 16.44 5.11 -7.74
CA LEU A 242 15.96 4.62 -9.04
C LEU A 242 17.10 3.98 -9.83
N LYS A 243 18.28 4.62 -9.81
CA LYS A 243 19.44 4.08 -10.54
C LYS A 243 19.86 2.70 -10.00
N ILE A 244 19.85 2.54 -8.67
CA ILE A 244 20.19 1.23 -8.04
C ILE A 244 19.11 0.22 -8.43
N ALA A 245 17.83 0.61 -8.32
CA ALA A 245 16.73 -0.31 -8.69
C ALA A 245 16.85 -0.79 -10.15
N GLU A 246 17.22 0.12 -11.05
CA GLU A 246 17.43 -0.25 -12.46
C GLU A 246 18.56 -1.23 -12.65
N ASP A 247 19.62 -1.06 -11.87
CA ASP A 247 20.73 -2.00 -11.87
C ASP A 247 20.28 -3.40 -11.43
N LEU A 248 19.43 -3.47 -10.40
CA LEU A 248 18.93 -4.76 -9.90
C LEU A 248 17.77 -5.35 -10.73
N GLY A 249 16.92 -4.50 -11.27
CA GLY A 249 15.69 -4.99 -11.89
C GLY A 249 15.60 -4.98 -13.40
N GLY A 250 16.49 -4.21 -14.04
CA GLY A 250 16.44 -3.98 -15.48
C GLY A 250 15.82 -2.61 -15.68
N PRO A 251 15.62 -2.20 -16.95
CA PRO A 251 15.17 -0.84 -17.32
C PRO A 251 13.88 -0.40 -16.60
N TYR A 252 13.86 0.85 -16.13
CA TYR A 252 12.62 1.48 -15.66
C TYR A 252 11.79 1.83 -16.91
N VAL A 253 10.61 1.21 -17.06
CA VAL A 253 9.85 1.34 -18.32
C VAL A 253 8.74 2.41 -18.31
N TRP A 254 8.55 3.12 -17.19
CA TRP A 254 7.35 3.91 -17.02
C TRP A 254 7.51 5.40 -17.40
N GLY A 255 8.70 5.81 -17.82
CA GLY A 255 8.90 7.20 -18.22
C GLY A 255 9.27 8.05 -17.02
N GLN A 256 8.27 8.60 -16.36
CA GLN A 256 8.45 9.47 -15.21
C GLN A 256 8.37 8.65 -13.92
N TYR A 257 9.08 9.10 -12.88
CA TYR A 257 8.84 8.64 -11.50
C TYR A 257 8.55 9.88 -10.60
N ASP A 258 7.28 10.28 -10.50
CA ASP A 258 6.92 11.45 -9.70
C ASP A 258 6.43 10.96 -8.34
N LEU A 259 6.45 11.87 -7.36
CA LEU A 259 5.96 11.58 -6.01
C LEU A 259 4.82 12.52 -5.64
N LEU A 260 3.77 12.00 -5.00
CA LEU A 260 2.66 12.84 -4.51
C LEU A 260 2.61 12.64 -3.00
N VAL A 261 2.72 13.73 -2.25
CA VAL A 261 2.66 13.67 -0.79
C VAL A 261 1.23 14.07 -0.40
N LEU A 262 0.46 13.10 0.08
CA LEU A 262 -0.97 13.32 0.33
C LEU A 262 -1.20 14.04 1.64
N PRO A 263 -2.47 14.41 1.91
CA PRO A 263 -2.84 14.93 3.22
C PRO A 263 -2.74 13.81 4.22
N PRO A 264 -2.84 14.13 5.52
CA PRO A 264 -2.41 13.17 6.55
C PRO A 264 -3.34 11.97 6.70
N SER A 265 -4.57 12.03 6.16
CA SER A 265 -5.46 10.87 6.26
C SER A 265 -5.18 9.76 5.22
N PHE A 266 -4.18 9.94 4.36
CA PHE A 266 -3.87 8.86 3.44
C PHE A 266 -3.60 7.56 4.27
N PRO A 267 -4.25 6.44 3.90
CA PRO A 267 -4.20 5.28 4.84
C PRO A 267 -2.92 4.42 4.92
N TYR A 268 -1.98 4.59 3.97
CA TYR A 268 -0.81 3.72 3.88
C TYR A 268 0.50 4.55 3.86
N GLY A 269 1.63 3.89 4.05
CA GLY A 269 2.90 4.58 3.99
C GLY A 269 3.11 5.00 2.52
N GLY A 270 2.73 4.11 1.59
CA GLY A 270 2.78 4.50 0.16
C GLY A 270 1.88 3.61 -0.71
N MET A 271 1.70 4.02 -1.95
CA MET A 271 0.96 3.22 -2.93
C MET A 271 1.67 3.43 -4.26
N GLU A 272 2.07 2.32 -4.89
CA GLU A 272 3.01 2.33 -6.02
C GLU A 272 2.33 2.68 -7.36
N ASN A 273 1.44 3.67 -7.35
CA ASN A 273 0.70 4.03 -8.60
C ASN A 273 1.73 4.37 -9.69
N PRO A 274 1.59 3.77 -10.87
CA PRO A 274 2.65 3.95 -11.88
C PRO A 274 2.73 5.40 -12.37
N CYS A 275 3.97 5.87 -12.53
CA CYS A 275 4.32 7.27 -12.83
C CYS A 275 4.11 8.25 -11.71
N LEU A 276 3.36 7.87 -10.70
CA LEU A 276 3.02 8.77 -9.61
C LEU A 276 2.82 8.02 -8.27
N THR A 277 3.91 7.68 -7.59
CA THR A 277 3.80 7.07 -6.24
C THR A 277 3.09 8.01 -5.26
N PHE A 278 2.15 7.48 -4.48
CA PHE A 278 1.46 8.28 -3.45
C PHE A 278 2.17 7.98 -2.13
N VAL A 279 2.46 9.01 -1.32
CA VAL A 279 3.03 8.74 0.00
C VAL A 279 2.32 9.49 1.15
N THR A 280 2.39 8.91 2.34
CA THR A 280 2.01 9.61 3.57
C THR A 280 2.92 10.81 3.94
N PRO A 281 2.32 11.90 4.46
CA PRO A 281 3.17 12.99 4.95
C PRO A 281 3.83 12.64 6.31
N THR A 282 3.46 11.49 6.89
CA THR A 282 4.18 11.02 8.10
C THR A 282 5.61 10.57 7.77
N LEU A 283 6.00 10.56 6.49
CA LEU A 283 7.41 10.31 6.14
C LEU A 283 8.30 11.54 6.36
N LEU A 284 7.70 12.70 6.64
CA LEU A 284 8.45 13.96 6.65
C LEU A 284 9.15 14.18 7.99
N ALA A 285 10.09 13.29 8.30
CA ALA A 285 10.83 13.29 9.56
C ALA A 285 11.85 14.45 9.64
N GLY A 286 12.17 15.06 8.50
CA GLY A 286 13.15 16.15 8.43
C GLY A 286 14.59 15.69 8.22
N ASP A 287 14.82 14.38 8.20
CA ASP A 287 16.20 13.91 8.11
C ASP A 287 16.39 12.76 7.11
N LYS A 288 15.36 12.50 6.31
CA LYS A 288 15.35 11.41 5.29
C LYS A 288 15.38 9.99 5.91
N SER A 289 15.12 9.88 7.21
CA SER A 289 15.30 8.59 7.88
C SER A 289 14.25 7.53 7.53
N LEU A 290 13.11 7.95 6.98
CA LEU A 290 12.05 7.00 6.58
C LEU A 290 12.04 6.73 5.06
N SER A 291 13.19 6.92 4.41
CA SER A 291 13.21 6.81 2.95
C SER A 291 13.16 5.37 2.46
N ASN A 292 13.22 4.38 3.37
CA ASN A 292 13.04 3.01 2.91
C ASN A 292 11.66 2.87 2.24
N VAL A 293 10.68 3.65 2.68
CA VAL A 293 9.33 3.61 2.09
C VAL A 293 9.41 4.05 0.62
N ILE A 294 10.22 5.09 0.34
CA ILE A 294 10.45 5.46 -1.09
C ILE A 294 11.12 4.30 -1.87
N ALA A 295 12.16 3.71 -1.29
CA ALA A 295 12.82 2.54 -1.92
C ALA A 295 11.82 1.42 -2.21
N HIS A 296 10.91 1.21 -1.27
CA HIS A 296 9.87 0.17 -1.42
C HIS A 296 8.97 0.49 -2.63
N GLU A 297 8.44 1.71 -2.65
CA GLU A 297 7.54 2.08 -3.75
C GLU A 297 8.25 2.05 -5.10
N ILE A 298 9.48 2.55 -5.13
CA ILE A 298 10.29 2.47 -6.35
C ILE A 298 10.39 1.02 -6.85
N SER A 299 10.69 0.11 -5.94
CA SER A 299 10.90 -1.31 -6.27
C SER A 299 9.66 -1.94 -6.91
N HIS A 300 8.48 -1.51 -6.47
CA HIS A 300 7.21 -1.98 -7.07
C HIS A 300 7.13 -1.72 -8.58
N SER A 301 7.93 -0.78 -9.09
CA SER A 301 8.00 -0.51 -10.54
C SER A 301 8.42 -1.76 -11.36
N TRP A 302 8.98 -2.74 -10.66
CA TRP A 302 9.32 -4.04 -11.20
C TRP A 302 8.46 -5.13 -10.54
N THR A 303 8.59 -5.26 -9.24
CA THR A 303 7.86 -6.31 -8.55
C THR A 303 6.49 -5.82 -8.08
N GLY A 304 5.46 -6.17 -8.84
CA GLY A 304 4.10 -5.72 -8.58
C GLY A 304 3.52 -5.09 -9.84
N ASN A 305 4.20 -4.07 -10.38
CA ASN A 305 3.62 -3.30 -11.50
C ASN A 305 3.98 -3.93 -12.85
N LEU A 306 5.14 -4.58 -12.93
CA LEU A 306 5.54 -5.34 -14.14
C LEU A 306 5.19 -6.82 -14.03
N VAL A 307 5.69 -7.47 -12.98
CA VAL A 307 5.25 -8.83 -12.62
C VAL A 307 4.20 -8.66 -11.56
N THR A 308 3.02 -9.22 -11.77
CA THR A 308 1.88 -8.90 -10.90
C THR A 308 1.25 -10.17 -10.40
N ASN A 309 0.78 -10.15 -9.14
CA ASN A 309 0.01 -11.28 -8.61
C ASN A 309 -1.29 -11.50 -9.38
N LYS A 310 -1.55 -12.75 -9.78
CA LYS A 310 -2.71 -13.09 -10.59
C LYS A 310 -4.00 -12.98 -9.81
N THR A 311 -3.95 -13.32 -8.51
CA THR A 311 -5.09 -13.00 -7.64
C THR A 311 -4.49 -12.56 -6.31
N TRP A 312 -5.32 -12.07 -5.41
CA TRP A 312 -4.82 -11.49 -4.16
C TRP A 312 -4.39 -12.56 -3.15
N ASP A 313 -4.70 -13.82 -3.45
CA ASP A 313 -4.19 -14.92 -2.62
C ASP A 313 -2.68 -14.95 -2.69
N HIS A 314 -2.12 -14.44 -3.80
CA HIS A 314 -0.66 -14.47 -4.07
C HIS A 314 0.03 -13.12 -3.86
N PHE A 315 -0.59 -12.28 -3.01
CA PHE A 315 -0.10 -10.95 -2.66
C PHE A 315 1.36 -10.96 -2.17
N TRP A 316 1.79 -12.01 -1.47
CA TRP A 316 3.22 -12.11 -1.04
C TRP A 316 4.21 -11.98 -2.22
N LEU A 317 3.79 -12.39 -3.42
CA LEU A 317 4.68 -12.25 -4.59
C LEU A 317 4.99 -10.78 -4.80
N ASN A 318 3.95 -9.94 -4.84
CA ASN A 318 4.13 -8.48 -4.91
C ASN A 318 4.97 -7.95 -3.77
N GLU A 319 4.55 -8.27 -2.54
CA GLU A 319 5.12 -7.59 -1.36
C GLU A 319 6.45 -8.14 -0.91
N GLY A 320 6.56 -9.46 -0.81
CA GLY A 320 7.82 -10.07 -0.42
C GLY A 320 9.00 -9.73 -1.31
N HIS A 321 8.81 -9.82 -2.62
CA HIS A 321 9.91 -9.47 -3.52
C HIS A 321 10.24 -7.99 -3.44
N THR A 322 9.22 -7.17 -3.19
CA THR A 322 9.42 -5.71 -3.12
C THR A 322 10.25 -5.34 -1.89
N VAL A 323 9.91 -5.94 -0.73
CA VAL A 323 10.72 -5.75 0.49
C VAL A 323 12.18 -6.22 0.30
N TYR A 324 12.32 -7.37 -0.39
CA TYR A 324 13.65 -7.90 -0.75
C TYR A 324 14.47 -6.88 -1.56
N LEU A 325 13.87 -6.30 -2.59
CA LEU A 325 14.59 -5.27 -3.40
C LEU A 325 14.82 -3.98 -2.60
N GLU A 326 13.81 -3.59 -1.82
CA GLU A 326 13.88 -2.41 -0.95
C GLU A 326 15.13 -2.48 -0.09
N ARG A 327 15.29 -3.63 0.58
CA ARG A 327 16.38 -3.81 1.53
C ARG A 327 17.74 -3.86 0.84
N HIS A 328 17.78 -4.37 -0.39
CA HIS A 328 18.98 -4.25 -1.23
C HIS A 328 19.34 -2.81 -1.61
N ILE A 329 18.34 -2.02 -2.00
CA ILE A 329 18.60 -0.61 -2.32
C ILE A 329 19.22 0.07 -1.11
N CYS A 330 18.57 -0.08 0.05
CA CYS A 330 19.07 0.57 1.27
C CYS A 330 20.45 0.01 1.73
N GLY A 331 20.67 -1.27 1.51
CA GLY A 331 21.98 -1.88 1.74
C GLY A 331 23.08 -1.35 0.81
N ARG A 332 22.73 -1.08 -0.44
CA ARG A 332 23.73 -0.44 -1.34
C ARG A 332 24.04 0.97 -0.88
N LEU A 333 23.02 1.70 -0.42
CA LEU A 333 23.24 3.08 0.01
C LEU A 333 24.02 3.16 1.32
N PHE A 334 23.69 2.28 2.25
CA PHE A 334 24.17 2.43 3.63
C PHE A 334 24.91 1.23 4.18
N GLY A 335 25.00 0.16 3.42
CA GLY A 335 25.88 -0.94 3.77
C GLY A 335 25.18 -2.25 4.11
N GLU A 336 25.91 -3.35 3.92
CA GLU A 336 25.36 -4.71 4.14
C GLU A 336 24.98 -4.98 5.62
N LYS A 337 25.72 -4.41 6.55
CA LYS A 337 25.33 -4.52 7.96
C LYS A 337 23.95 -3.85 8.23
N PHE A 338 23.67 -2.74 7.55
CA PHE A 338 22.36 -2.07 7.71
C PHE A 338 21.23 -2.90 7.07
N ARG A 339 21.49 -3.52 5.91
CA ARG A 339 20.53 -4.45 5.29
C ARG A 339 20.17 -5.59 6.26
N HIS A 340 21.18 -6.19 6.89
CA HIS A 340 20.91 -7.23 7.90
C HIS A 340 20.11 -6.71 9.10
N PHE A 341 20.46 -5.51 9.58
CA PHE A 341 19.74 -4.89 10.69
C PHE A 341 18.25 -4.73 10.34
N ASN A 342 17.98 -4.24 9.13
CA ASN A 342 16.60 -4.07 8.67
C ASN A 342 15.90 -5.40 8.44
N ALA A 343 16.62 -6.38 7.88
CA ALA A 343 16.09 -7.72 7.73
C ALA A 343 15.66 -8.26 9.11
N LEU A 344 16.51 -8.10 10.12
CA LEU A 344 16.24 -8.71 11.43
C LEU A 344 15.08 -7.99 12.13
N GLY A 345 15.01 -6.66 11.96
CA GLY A 345 13.85 -5.89 12.42
C GLY A 345 12.53 -6.41 11.83
N GLY A 346 12.57 -6.76 10.54
CA GLY A 346 11.40 -7.31 9.86
C GLY A 346 10.96 -8.68 10.42
N TRP A 347 11.91 -9.53 10.77
CA TRP A 347 11.57 -10.77 11.48
C TRP A 347 10.83 -10.44 12.78
N GLY A 348 11.30 -9.42 13.49
CA GLY A 348 10.60 -8.95 14.70
C GLY A 348 9.17 -8.53 14.46
N GLU A 349 8.94 -7.84 13.35
CA GLU A 349 7.56 -7.41 12.99
C GLU A 349 6.69 -8.64 12.67
N LEU A 350 7.30 -9.61 12.01
CA LEU A 350 6.62 -10.90 11.75
C LEU A 350 6.25 -11.65 13.06
N GLN A 351 7.18 -11.68 14.02
CA GLN A 351 6.85 -12.24 15.35
C GLN A 351 5.64 -11.55 15.91
N ASN A 352 5.62 -10.23 15.82
CA ASN A 352 4.49 -9.46 16.37
C ASN A 352 3.17 -9.85 15.71
N SER A 353 3.16 -9.86 14.38
CA SER A 353 1.91 -10.21 13.66
C SER A 353 1.40 -11.60 13.99
N VAL A 354 2.31 -12.57 14.07
CA VAL A 354 1.93 -13.97 14.34
C VAL A 354 1.36 -14.07 15.78
N LYS A 355 2.02 -13.41 16.73
CA LYS A 355 1.53 -13.36 18.12
C LYS A 355 0.16 -12.71 18.19
N THR A 356 -0.02 -11.60 17.48
CA THR A 356 -1.31 -10.89 17.42
C THR A 356 -2.45 -11.74 16.83
N PHE A 357 -2.22 -12.36 15.66
CA PHE A 357 -3.24 -13.18 15.01
C PHE A 357 -3.43 -14.52 15.73
N GLY A 358 -2.32 -15.09 16.20
CA GLY A 358 -2.28 -16.42 16.77
C GLY A 358 -1.57 -17.34 15.79
N GLU A 359 -0.73 -18.21 16.35
CA GLU A 359 0.17 -19.03 15.56
C GLU A 359 -0.53 -20.04 14.64
N THR A 360 -1.83 -20.27 14.82
CA THR A 360 -2.56 -21.13 13.87
C THR A 360 -3.52 -20.36 12.96
N HIS A 361 -3.53 -19.04 13.03
CA HIS A 361 -4.50 -18.26 12.25
C HIS A 361 -4.24 -18.39 10.74
N PRO A 362 -5.31 -18.57 9.93
CA PRO A 362 -5.18 -18.65 8.46
C PRO A 362 -4.49 -17.44 7.79
N PHE A 363 -4.56 -16.27 8.41
CA PHE A 363 -3.92 -15.05 7.79
C PHE A 363 -2.39 -15.02 8.01
N THR A 364 -1.86 -16.00 8.74
CA THR A 364 -0.42 -16.11 8.93
C THR A 364 0.24 -17.06 7.95
N LYS A 365 -0.58 -17.68 7.10
CA LYS A 365 -0.05 -18.44 5.98
C LYS A 365 0.52 -17.47 4.93
N LEU A 366 1.52 -17.92 4.16
CA LEU A 366 2.11 -17.06 3.16
C LEU A 366 1.16 -16.89 1.99
N VAL A 367 0.68 -18.03 1.47
CA VAL A 367 -0.39 -18.00 0.49
C VAL A 367 -1.69 -18.10 1.28
N VAL A 368 -2.58 -17.14 1.10
CA VAL A 368 -3.85 -17.14 1.83
C VAL A 368 -5.03 -17.51 0.94
N ASP A 369 -6.15 -17.91 1.53
CA ASP A 369 -7.34 -18.16 0.74
C ASP A 369 -8.37 -17.12 1.12
N LEU A 370 -8.60 -16.18 0.21
CA LEU A 370 -9.46 -15.03 0.45
C LEU A 370 -10.93 -15.28 0.10
N THR A 371 -11.32 -16.55 -0.08
CA THR A 371 -12.73 -16.89 -0.30
C THR A 371 -13.55 -16.32 0.87
N ASP A 372 -14.53 -15.48 0.54
CA ASP A 372 -15.36 -14.82 1.57
C ASP A 372 -14.58 -13.97 2.61
N ILE A 373 -13.37 -13.54 2.28
CA ILE A 373 -12.63 -12.67 3.21
C ILE A 373 -12.38 -11.33 2.51
N ASP A 374 -12.69 -10.23 3.20
CA ASP A 374 -12.38 -8.89 2.67
C ASP A 374 -10.83 -8.66 2.76
N PRO A 375 -10.17 -8.41 1.61
CA PRO A 375 -8.71 -8.19 1.68
C PRO A 375 -8.29 -7.10 2.72
N ASP A 376 -9.13 -6.07 2.94
CA ASP A 376 -8.80 -5.02 3.90
C ASP A 376 -8.75 -5.52 5.34
N VAL A 377 -9.58 -6.53 5.64
CA VAL A 377 -9.60 -7.19 6.95
C VAL A 377 -8.39 -8.12 7.15
N ALA A 378 -8.02 -8.84 6.09
CA ALA A 378 -6.91 -9.77 6.11
C ALA A 378 -5.52 -9.07 6.09
N TYR A 379 -5.45 -7.86 5.54
CA TYR A 379 -4.18 -7.14 5.36
C TYR A 379 -3.28 -7.10 6.61
N SER A 380 -1.99 -7.46 6.47
CA SER A 380 -1.05 -7.43 7.60
C SER A 380 0.38 -7.40 7.09
N SER A 381 1.32 -7.46 8.03
CA SER A 381 2.77 -7.60 7.75
C SER A 381 3.18 -8.97 7.21
N VAL A 382 2.27 -9.96 7.31
CA VAL A 382 2.66 -11.33 6.96
C VAL A 382 3.21 -11.49 5.52
N PRO A 383 2.46 -11.04 4.50
CA PRO A 383 2.97 -11.25 3.13
C PRO A 383 4.29 -10.54 2.92
N TYR A 384 4.47 -9.39 3.59
CA TYR A 384 5.72 -8.63 3.51
C TYR A 384 6.88 -9.37 4.13
N GLU A 385 6.72 -9.77 5.40
CA GLU A 385 7.87 -10.24 6.18
C GLU A 385 8.05 -11.75 6.14
N LYS A 386 6.96 -12.51 6.02
CA LYS A 386 7.17 -13.94 5.76
C LYS A 386 7.64 -14.15 4.33
N GLY A 387 7.13 -13.32 3.41
CA GLY A 387 7.62 -13.39 2.02
C GLY A 387 9.11 -13.02 1.98
N PHE A 388 9.50 -11.93 2.64
CA PHE A 388 10.92 -11.54 2.67
C PHE A 388 11.79 -12.65 3.31
N ALA A 389 11.30 -13.23 4.42
CA ALA A 389 12.12 -14.23 5.14
C ALA A 389 12.40 -15.46 4.28
N LEU A 390 11.41 -15.85 3.48
CA LEU A 390 11.57 -16.92 2.51
C LEU A 390 12.64 -16.61 1.49
N LEU A 391 12.58 -15.39 0.95
CA LEU A 391 13.55 -14.96 -0.06
C LEU A 391 14.97 -14.83 0.52
N PHE A 392 15.07 -14.32 1.75
CA PHE A 392 16.36 -14.17 2.44
C PHE A 392 16.93 -15.56 2.81
N TYR A 393 16.07 -16.44 3.27
CA TYR A 393 16.45 -17.87 3.48
C TYR A 393 16.98 -18.51 2.19
N LEU A 394 16.23 -18.36 1.10
CA LEU A 394 16.67 -18.88 -0.21
C LEU A 394 17.99 -18.26 -0.69
N GLU A 395 18.14 -16.94 -0.53
CA GLU A 395 19.40 -16.27 -0.81
C GLU A 395 20.60 -16.97 -0.11
N GLN A 396 20.42 -17.24 1.17
CA GLN A 396 21.47 -17.88 1.97
C GLN A 396 21.69 -19.34 1.55
N LEU A 397 20.63 -20.04 1.22
CA LEU A 397 20.73 -21.44 0.76
C LEU A 397 21.47 -21.58 -0.58
N LEU A 398 21.23 -20.63 -1.47
CA LEU A 398 21.62 -20.78 -2.86
C LEU A 398 22.93 -20.08 -3.24
N GLY A 399 23.60 -19.46 -2.26
CA GLY A 399 24.96 -18.96 -2.54
C GLY A 399 25.20 -17.49 -2.31
N GLY A 400 24.19 -16.76 -1.84
CA GLY A 400 24.40 -15.37 -1.41
C GLY A 400 23.67 -14.33 -2.24
N PRO A 401 23.80 -13.05 -1.86
CA PRO A 401 23.01 -12.03 -2.55
C PRO A 401 23.32 -11.81 -4.03
N GLU A 402 24.60 -11.93 -4.45
CA GLU A 402 24.90 -11.72 -5.87
C GLU A 402 24.18 -12.76 -6.72
N ILE A 403 24.23 -14.01 -6.28
CA ILE A 403 23.57 -15.11 -6.99
C ILE A 403 22.04 -14.93 -6.99
N PHE A 404 21.47 -14.57 -5.85
CA PHE A 404 20.02 -14.52 -5.79
C PHE A 404 19.48 -13.30 -6.55
N LEU A 405 20.26 -12.22 -6.59
CA LEU A 405 19.89 -11.04 -7.40
C LEU A 405 19.88 -11.37 -8.90
N GLY A 406 20.73 -12.30 -9.34
CA GLY A 406 20.67 -12.80 -10.73
C GLY A 406 19.32 -13.45 -11.02
N PHE A 407 18.84 -14.23 -10.07
CA PHE A 407 17.50 -14.87 -10.17
C PHE A 407 16.41 -13.81 -10.26
N LEU A 408 16.50 -12.82 -9.37
CA LEU A 408 15.47 -11.79 -9.31
C LEU A 408 15.33 -11.02 -10.64
N LYS A 409 16.46 -10.69 -11.26
CA LYS A 409 16.41 -9.94 -12.51
C LYS A 409 15.88 -10.84 -13.63
N ALA A 410 16.25 -12.11 -13.59
CA ALA A 410 15.76 -13.05 -14.61
C ALA A 410 14.23 -13.26 -14.47
N TYR A 411 13.79 -13.36 -13.22
CA TYR A 411 12.35 -13.49 -12.87
C TYR A 411 11.52 -12.28 -13.35
N VAL A 412 12.04 -11.07 -13.13
CA VAL A 412 11.33 -9.87 -13.63
C VAL A 412 11.25 -9.89 -15.17
N GLU A 413 12.37 -10.19 -15.84
CA GLU A 413 12.41 -10.28 -17.33
C GLU A 413 11.39 -11.30 -17.82
N LYS A 414 11.43 -12.48 -17.23
CA LYS A 414 10.57 -13.60 -17.62
C LYS A 414 9.06 -13.26 -17.56
N PHE A 415 8.62 -12.62 -16.47
CA PHE A 415 7.22 -12.39 -16.21
C PHE A 415 6.74 -10.92 -16.39
N SER A 416 7.55 -10.09 -17.03
CA SER A 416 7.14 -8.72 -17.28
C SER A 416 5.86 -8.67 -18.08
N TYR A 417 4.97 -7.77 -17.66
CA TYR A 417 3.67 -7.57 -18.31
C TYR A 417 2.70 -8.72 -18.12
N LYS A 418 3.03 -9.64 -17.20
CA LYS A 418 2.20 -10.79 -16.96
C LYS A 418 1.66 -10.81 -15.52
N SER A 419 0.66 -11.63 -15.27
CA SER A 419 0.14 -11.85 -13.91
C SER A 419 0.35 -13.33 -13.55
N ILE A 420 0.89 -13.60 -12.35
CA ILE A 420 1.34 -14.97 -12.03
C ILE A 420 0.92 -15.49 -10.66
N THR A 421 1.06 -16.81 -10.47
CA THR A 421 0.77 -17.44 -9.19
C THR A 421 2.04 -17.89 -8.51
N THR A 422 1.90 -18.33 -7.27
CA THR A 422 3.00 -18.89 -6.50
C THR A 422 3.62 -20.09 -7.24
N ASP A 423 2.80 -20.93 -7.87
CA ASP A 423 3.36 -22.05 -8.66
C ASP A 423 4.21 -21.61 -9.83
N ASP A 424 3.80 -20.55 -10.56
CA ASP A 424 4.62 -19.95 -11.62
C ASP A 424 5.99 -19.52 -11.12
N TRP A 425 5.98 -18.84 -9.97
CA TRP A 425 7.22 -18.39 -9.33
C TRP A 425 8.13 -19.59 -8.97
N LYS A 426 7.57 -20.59 -8.33
CA LYS A 426 8.32 -21.74 -7.83
C LYS A 426 8.88 -22.56 -9.01
N ASP A 427 8.09 -22.68 -10.07
CA ASP A 427 8.50 -23.39 -11.29
C ASP A 427 9.70 -22.70 -11.90
N PHE A 428 9.66 -21.36 -11.98
CA PHE A 428 10.76 -20.60 -12.52
C PHE A 428 11.98 -20.66 -11.60
N LEU A 429 11.78 -20.58 -10.29
CA LEU A 429 12.92 -20.76 -9.35
C LEU A 429 13.68 -22.08 -9.61
N TYR A 430 12.92 -23.14 -9.78
CA TYR A 430 13.50 -24.48 -10.10
C TYR A 430 14.18 -24.50 -11.48
N SER A 431 13.61 -23.79 -12.43
CA SER A 431 14.19 -23.70 -13.77
C SER A 431 15.51 -22.91 -13.74
N TYR A 432 15.48 -21.73 -13.12
CA TYR A 432 16.69 -20.92 -12.99
C TYR A 432 17.81 -21.64 -12.23
N PHE A 433 17.49 -22.26 -11.11
CA PHE A 433 18.51 -22.90 -10.29
C PHE A 433 18.54 -24.41 -10.58
N LYS A 434 18.47 -24.78 -11.85
CA LYS A 434 18.31 -26.20 -12.20
C LYS A 434 19.47 -27.04 -11.65
N ASP A 435 20.64 -26.42 -11.53
CA ASP A 435 21.81 -27.10 -10.99
C ASP A 435 21.87 -27.14 -9.46
N LYS A 436 20.89 -26.51 -8.80
CA LYS A 436 20.84 -26.53 -7.34
C LYS A 436 19.52 -27.11 -6.83
N VAL A 437 18.87 -27.93 -7.67
CA VAL A 437 17.57 -28.50 -7.34
C VAL A 437 17.66 -29.42 -6.10
N ASP A 438 18.82 -30.04 -5.91
CA ASP A 438 19.06 -30.81 -4.71
C ASP A 438 18.87 -29.95 -3.47
N VAL A 439 19.37 -28.73 -3.51
CA VAL A 439 19.29 -27.79 -2.39
C VAL A 439 17.86 -27.25 -2.22
N LEU A 440 17.20 -26.92 -3.33
CA LEU A 440 15.79 -26.51 -3.34
C LEU A 440 14.88 -27.58 -2.76
N ASN A 441 15.17 -28.84 -3.03
CA ASN A 441 14.35 -29.91 -2.48
C ASN A 441 14.49 -30.07 -0.96
N GLN A 442 15.49 -29.45 -0.38
CA GLN A 442 15.63 -29.39 1.07
C GLN A 442 14.65 -28.42 1.75
N VAL A 443 14.10 -27.47 1.01
CA VAL A 443 13.13 -26.55 1.58
C VAL A 443 11.80 -27.24 1.89
N ASP A 444 11.21 -26.93 3.04
CA ASP A 444 9.90 -27.47 3.40
C ASP A 444 8.86 -26.57 2.77
N TRP A 445 8.60 -26.78 1.48
CA TRP A 445 7.70 -25.92 0.72
C TRP A 445 6.29 -25.85 1.34
N ASN A 446 5.74 -27.01 1.71
CA ASN A 446 4.41 -26.99 2.29
C ASN A 446 4.30 -26.11 3.55
N ALA A 447 5.36 -26.08 4.37
CA ALA A 447 5.30 -25.29 5.60
C ALA A 447 5.46 -23.80 5.26
N TRP A 448 6.53 -23.48 4.51
CA TRP A 448 6.76 -22.09 4.11
C TRP A 448 5.56 -21.41 3.41
N LEU A 449 4.95 -22.12 2.45
CA LEU A 449 3.91 -21.54 1.59
C LEU A 449 2.51 -21.66 2.16
N TYR A 450 2.24 -22.75 2.87
CA TYR A 450 0.85 -23.10 3.20
C TYR A 450 0.51 -23.28 4.69
N SER A 451 1.53 -23.28 5.55
CA SER A 451 1.28 -23.46 6.97
C SER A 451 1.23 -22.15 7.75
N PRO A 452 0.40 -22.08 8.82
CA PRO A 452 0.39 -20.87 9.67
C PRO A 452 1.60 -20.74 10.59
N GLY A 453 1.76 -19.57 11.21
CA GLY A 453 2.78 -19.40 12.25
C GLY A 453 4.12 -18.90 11.72
N LEU A 454 5.13 -18.86 12.59
CA LEU A 454 6.48 -18.52 12.15
C LEU A 454 7.01 -19.56 11.16
N PRO A 455 7.87 -19.12 10.21
CA PRO A 455 8.48 -20.03 9.23
C PRO A 455 9.19 -21.21 9.93
N PRO A 456 9.41 -22.32 9.22
CA PRO A 456 10.05 -23.46 9.92
C PRO A 456 11.55 -23.27 10.21
N ILE A 457 12.16 -22.30 9.53
CA ILE A 457 13.60 -22.00 9.64
C ILE A 457 13.80 -20.49 9.71
N LYS A 458 14.67 -20.02 10.60
CA LYS A 458 15.01 -18.58 10.67
C LYS A 458 16.34 -18.38 9.95
N PRO A 459 16.41 -17.38 9.06
CA PRO A 459 17.68 -17.05 8.40
C PRO A 459 18.78 -16.62 9.38
N ASN A 460 19.99 -16.51 8.88
CA ASN A 460 21.11 -15.97 9.68
C ASN A 460 21.22 -14.47 9.51
N TYR A 461 21.42 -13.75 10.60
CA TYR A 461 21.44 -12.28 10.57
C TYR A 461 22.70 -11.76 11.23
N ASP A 462 23.46 -10.92 10.53
CA ASP A 462 24.49 -10.08 11.18
C ASP A 462 23.85 -9.29 12.34
N MET A 463 24.52 -9.26 13.49
CA MET A 463 23.99 -8.62 14.69
C MET A 463 24.60 -7.25 15.02
N THR A 464 25.53 -6.77 14.20
CA THR A 464 26.39 -5.62 14.57
C THR A 464 25.60 -4.41 15.05
N LEU A 465 24.65 -3.94 14.23
CA LEU A 465 23.88 -2.74 14.58
C LEU A 465 22.74 -3.05 15.55
N THR A 466 22.37 -4.32 15.67
CA THR A 466 21.27 -4.68 16.58
C THR A 466 21.74 -4.80 18.04
N ASN A 467 23.01 -5.17 18.27
CA ASN A 467 23.40 -5.54 19.67
C ASN A 467 23.16 -4.43 20.70
N ALA A 468 23.53 -3.19 20.35
CA ALA A 468 23.36 -2.05 21.26
C ALA A 468 21.88 -1.83 21.64
N CYS A 469 20.98 -2.11 20.69
CA CYS A 469 19.54 -1.95 20.89
C CYS A 469 19.01 -2.99 21.88
N ILE A 470 19.42 -4.24 21.67
CA ILE A 470 19.04 -5.33 22.60
C ILE A 470 19.62 -5.05 24.00
N ALA A 471 20.87 -4.64 24.03
CA ALA A 471 21.56 -4.40 25.30
C ALA A 471 20.84 -3.38 26.15
N LEU A 472 20.50 -2.25 25.53
CA LEU A 472 19.79 -1.19 26.26
C LEU A 472 18.37 -1.62 26.68
N SER A 473 17.65 -2.31 25.79
CA SER A 473 16.28 -2.77 26.10
C SER A 473 16.34 -3.68 27.33
N GLN A 474 17.32 -4.60 27.29
CA GLN A 474 17.50 -5.55 28.40
C GLN A 474 17.89 -4.88 29.71
N ARG A 475 18.69 -3.82 29.66
CA ARG A 475 18.93 -3.00 30.88
C ARG A 475 17.62 -2.45 31.50
N TRP A 476 16.75 -1.87 30.66
CA TRP A 476 15.50 -1.31 31.15
C TRP A 476 14.59 -2.40 31.68
N ILE A 477 14.46 -3.49 30.93
CA ILE A 477 13.60 -4.58 31.36
C ILE A 477 13.98 -5.19 32.72
N THR A 478 15.28 -5.44 32.93
CA THR A 478 15.79 -6.06 34.16
C THR A 478 16.05 -5.06 35.29
N ALA A 479 15.89 -3.78 35.01
CA ALA A 479 16.18 -2.77 36.01
C ALA A 479 15.17 -2.82 37.13
N LYS A 480 15.63 -2.62 38.38
CA LYS A 480 14.71 -2.38 39.50
C LYS A 480 14.76 -0.90 39.85
N GLU A 481 13.96 -0.49 40.84
CA GLU A 481 13.81 0.94 41.13
C GLU A 481 15.18 1.59 41.43
N ASP A 482 16.05 0.88 42.14
CA ASP A 482 17.37 1.44 42.49
C ASP A 482 18.35 1.51 41.33
N ASP A 483 17.94 1.03 40.15
CA ASP A 483 18.79 1.08 38.94
C ASP A 483 18.40 2.25 38.00
N LEU A 484 17.26 2.86 38.28
CA LEU A 484 16.68 3.88 37.40
C LEU A 484 17.57 5.13 37.31
N ASN A 485 18.19 5.49 38.44
CA ASN A 485 19.16 6.60 38.47
C ASN A 485 20.36 6.46 37.52
N SER A 486 20.75 5.23 37.20
CA SER A 486 21.94 5.02 36.33
C SER A 486 21.67 5.39 34.86
N PHE A 487 20.41 5.43 34.46
CA PHE A 487 20.08 5.79 33.08
C PHE A 487 20.27 7.29 32.86
N ASN A 488 20.65 7.66 31.64
CA ASN A 488 21.04 9.04 31.34
C ASN A 488 20.99 9.28 29.82
N ALA A 489 20.75 10.53 29.39
CA ALA A 489 20.78 10.89 27.95
C ALA A 489 21.98 10.31 27.18
N THR A 490 23.12 10.17 27.84
CA THR A 490 24.31 9.64 27.14
C THR A 490 24.10 8.21 26.65
N ASP A 491 23.14 7.50 27.22
CA ASP A 491 22.86 6.14 26.77
C ASP A 491 22.57 6.10 25.24
N LEU A 492 22.02 7.18 24.71
CA LEU A 492 21.55 7.24 23.31
C LEU A 492 22.58 7.85 22.34
N LYS A 493 23.70 8.30 22.91
CA LYS A 493 24.80 9.01 22.20
C LYS A 493 25.15 8.43 20.81
N ASP A 494 25.39 7.14 20.77
CA ASP A 494 25.89 6.52 19.59
C ASP A 494 24.80 5.76 18.80
N LEU A 495 23.52 6.05 19.08
CA LEU A 495 22.41 5.32 18.42
C LEU A 495 21.82 6.17 17.30
N SER A 496 21.63 5.59 16.12
CA SER A 496 20.96 6.31 15.04
C SER A 496 19.46 6.35 15.35
N SER A 497 18.69 7.11 14.57
CA SER A 497 17.23 7.08 14.72
C SER A 497 16.71 5.66 14.49
N HIS A 498 17.30 4.93 13.53
CA HIS A 498 16.90 3.53 13.26
C HIS A 498 17.12 2.66 14.48
N GLN A 499 18.24 2.87 15.12
CA GLN A 499 18.54 2.13 16.34
C GLN A 499 17.63 2.53 17.53
N LEU A 500 17.28 3.80 17.64
CA LEU A 500 16.36 4.21 18.73
C LEU A 500 15.01 3.53 18.51
N ASN A 501 14.58 3.50 17.26
CA ASN A 501 13.33 2.82 16.91
C ASN A 501 13.37 1.34 17.29
N GLU A 502 14.46 0.67 16.97
CA GLU A 502 14.58 -0.75 17.27
C GLU A 502 14.64 -1.01 18.81
N PHE A 503 15.30 -0.10 19.53
CA PHE A 503 15.32 -0.17 21.01
C PHE A 503 13.88 -0.15 21.53
N LEU A 504 13.06 0.75 21.00
CA LEU A 504 11.65 0.86 21.39
C LEU A 504 10.88 -0.36 20.96
N ALA A 505 11.18 -0.90 19.75
CA ALA A 505 10.49 -2.10 19.26
C ALA A 505 10.79 -3.31 20.16
N GLN A 506 12.05 -3.45 20.57
CA GLN A 506 12.45 -4.55 21.49
C GLN A 506 11.73 -4.42 22.82
N THR A 507 11.66 -3.21 23.34
CA THR A 507 11.06 -2.98 24.67
C THR A 507 9.54 -3.18 24.62
N LEU A 508 8.93 -2.72 23.52
CA LEU A 508 7.51 -2.84 23.31
C LEU A 508 7.10 -4.32 23.26
N GLN A 509 7.98 -5.18 22.76
CA GLN A 509 7.67 -6.61 22.77
C GLN A 509 7.50 -7.19 24.20
N ARG A 510 8.02 -6.48 25.19
CA ARG A 510 7.92 -6.95 26.60
C ARG A 510 6.95 -6.12 27.46
N ALA A 511 6.20 -5.23 26.81
CA ALA A 511 5.31 -4.33 27.52
C ALA A 511 4.10 -5.08 28.12
N PRO A 512 3.57 -4.60 29.27
CA PRO A 512 3.91 -3.31 29.95
C PRO A 512 5.22 -3.41 30.70
N LEU A 513 5.89 -2.27 30.87
CA LEU A 513 6.93 -2.14 31.89
C LEU A 513 6.34 -1.36 33.09
N PRO A 514 7.07 -1.34 34.22
CA PRO A 514 6.51 -0.61 35.35
C PRO A 514 6.36 0.87 35.00
N LEU A 515 5.30 1.50 35.51
CA LEU A 515 5.05 2.92 35.24
C LEU A 515 6.22 3.82 35.59
N GLY A 516 6.86 3.53 36.72
CA GLY A 516 8.04 4.31 37.15
C GLY A 516 9.19 4.24 36.15
N HIS A 517 9.36 3.10 35.49
CA HIS A 517 10.41 2.97 34.48
C HIS A 517 10.08 3.85 33.27
N ILE A 518 8.82 3.82 32.85
CA ILE A 518 8.43 4.62 31.69
C ILE A 518 8.53 6.12 32.00
N LYS A 519 8.15 6.55 33.21
CA LYS A 519 8.33 7.94 33.61
C LYS A 519 9.83 8.31 33.56
N ARG A 520 10.70 7.44 34.05
CA ARG A 520 12.13 7.71 34.04
C ARG A 520 12.65 7.88 32.62
N MET A 521 12.22 6.99 31.72
CA MET A 521 12.62 7.02 30.31
C MET A 521 12.30 8.39 29.70
N GLN A 522 11.15 8.96 30.02
CA GLN A 522 10.80 10.31 29.51
C GLN A 522 11.72 11.35 30.18
N GLU A 523 11.99 11.16 31.47
CA GLU A 523 12.86 12.08 32.21
C GLU A 523 14.25 12.17 31.60
N VAL A 524 14.83 11.03 31.24
CA VAL A 524 16.21 10.99 30.77
C VAL A 524 16.37 11.06 29.25
N TYR A 525 15.39 10.55 28.51
CA TYR A 525 15.52 10.51 27.06
C TYR A 525 14.60 11.51 26.34
N ASN A 526 13.60 12.05 27.03
CA ASN A 526 12.70 13.07 26.42
C ASN A 526 12.10 12.59 25.09
N PHE A 527 11.60 11.35 25.06
CA PHE A 527 11.01 10.82 23.83
C PHE A 527 9.78 11.61 23.39
N ASN A 528 9.15 12.30 24.35
CA ASN A 528 7.98 13.09 23.97
C ASN A 528 8.33 14.15 22.92
N ALA A 529 9.62 14.54 22.85
CA ALA A 529 10.09 15.60 21.94
C ALA A 529 10.36 15.11 20.50
N ILE A 530 10.41 13.80 20.32
CA ILE A 530 10.73 13.24 19.01
C ILE A 530 9.51 13.28 18.09
N ASN A 531 9.67 13.89 16.93
CA ASN A 531 8.59 13.97 15.95
C ASN A 531 8.65 12.87 14.88
N ASN A 532 9.77 12.14 14.79
CA ASN A 532 9.81 10.92 13.93
C ASN A 532 8.59 10.02 14.17
N SER A 533 7.74 9.84 13.15
CA SER A 533 6.48 9.14 13.37
C SER A 533 6.66 7.66 13.79
N GLU A 534 7.64 6.95 13.27
CA GLU A 534 7.82 5.53 13.69
C GLU A 534 8.24 5.49 15.17
N ILE A 535 9.18 6.35 15.54
CA ILE A 535 9.60 6.43 16.93
C ILE A 535 8.45 6.84 17.84
N ARG A 536 7.76 7.93 17.50
CA ARG A 536 6.72 8.45 18.37
C ARG A 536 5.62 7.38 18.56
N PHE A 537 5.25 6.73 17.46
CA PHE A 537 4.26 5.64 17.48
C PHE A 537 4.59 4.57 18.54
N ARG A 538 5.79 4.00 18.46
CA ARG A 538 6.16 2.92 19.39
C ARG A 538 6.29 3.40 20.84
N TRP A 539 6.89 4.58 21.02
CA TRP A 539 6.94 5.24 22.33
C TRP A 539 5.54 5.42 22.93
N LEU A 540 4.60 6.01 22.18
CA LEU A 540 3.26 6.19 22.73
C LEU A 540 2.55 4.86 23.02
N ARG A 541 2.75 3.85 22.16
CA ARG A 541 2.21 2.52 22.44
C ARG A 541 2.78 1.98 23.78
N LEU A 542 4.08 2.13 23.98
CA LEU A 542 4.74 1.63 25.20
C LEU A 542 4.15 2.39 26.42
N CYS A 543 3.92 3.69 26.27
CA CYS A 543 3.39 4.47 27.41
C CYS A 543 1.96 4.06 27.79
N ILE A 544 1.11 3.89 26.77
CA ILE A 544 -0.29 3.55 27.00
C ILE A 544 -0.40 2.12 27.54
N GLN A 545 0.30 1.18 26.90
CA GLN A 545 0.32 -0.21 27.43
C GLN A 545 0.87 -0.32 28.85
N SER A 546 1.77 0.58 29.22
CA SER A 546 2.30 0.64 30.58
C SER A 546 1.46 1.53 31.54
N LYS A 547 0.29 1.98 31.06
CA LYS A 547 -0.75 2.66 31.85
C LYS A 547 -0.39 4.04 32.33
N TRP A 548 0.33 4.81 31.52
CA TRP A 548 0.65 6.20 31.86
C TRP A 548 -0.46 7.14 31.36
N GLU A 549 -1.25 7.69 32.27
CA GLU A 549 -2.39 8.52 31.87
C GLU A 549 -1.93 9.80 31.14
N ASP A 550 -0.74 10.30 31.48
CA ASP A 550 -0.21 11.51 30.83
C ASP A 550 -0.10 11.33 29.31
N ALA A 551 0.16 10.09 28.87
CA ALA A 551 0.30 9.82 27.44
C ALA A 551 -1.04 9.76 26.71
N ILE A 552 -2.14 9.68 27.44
CA ILE A 552 -3.46 9.56 26.77
C ILE A 552 -3.72 10.68 25.73
N PRO A 553 -3.58 11.97 26.11
CA PRO A 553 -3.93 12.97 25.08
C PRO A 553 -2.94 12.95 23.91
N LEU A 554 -1.70 12.54 24.18
CA LEU A 554 -0.68 12.50 23.11
C LEU A 554 -1.06 11.41 22.10
N ALA A 555 -1.44 10.24 22.60
CA ALA A 555 -1.82 9.13 21.72
C ALA A 555 -3.12 9.42 20.97
N LEU A 556 -4.09 10.05 21.64
CA LEU A 556 -5.32 10.43 20.95
C LEU A 556 -5.04 11.41 19.78
N LYS A 557 -4.16 12.38 20.04
CA LYS A 557 -3.78 13.37 19.07
C LYS A 557 -3.13 12.72 17.86
N MET A 558 -2.13 11.88 18.10
CA MET A 558 -1.45 11.20 17.00
C MET A 558 -2.44 10.32 16.21
N ALA A 559 -3.37 9.68 16.91
CA ALA A 559 -4.29 8.75 16.24
C ALA A 559 -5.22 9.45 15.28
N THR A 560 -5.55 10.72 15.57
CA THR A 560 -6.56 11.45 14.81
C THR A 560 -5.96 12.50 13.87
N GLU A 561 -4.77 13.02 14.19
CA GLU A 561 -4.21 14.12 13.38
C GLU A 561 -3.54 13.64 12.12
N GLN A 562 -3.31 12.33 12.06
CA GLN A 562 -2.95 11.67 10.83
C GLN A 562 -3.77 10.36 10.79
N GLY A 563 -3.76 9.68 9.65
CA GLY A 563 -4.63 8.49 9.49
C GLY A 563 -3.95 7.31 8.83
N ARG A 564 -2.63 7.26 8.89
CA ARG A 564 -1.92 6.07 8.36
C ARG A 564 -2.33 4.91 9.25
N MET A 565 -2.92 3.86 8.65
CA MET A 565 -3.51 2.82 9.48
C MET A 565 -2.53 2.06 10.35
N LYS A 566 -1.29 1.92 9.86
CA LYS A 566 -0.16 1.36 10.64
C LYS A 566 -0.08 1.99 12.03
N PHE A 567 -0.34 3.30 12.12
CA PHE A 567 -0.29 4.00 13.41
C PHE A 567 -1.67 4.19 14.09
N THR A 568 -2.65 4.64 13.31
CA THR A 568 -4.00 4.93 13.84
C THR A 568 -4.68 3.67 14.42
N ARG A 569 -4.56 2.53 13.75
CA ARG A 569 -5.27 1.36 14.25
C ARG A 569 -4.75 0.85 15.60
N PRO A 570 -3.42 0.66 15.73
CA PRO A 570 -2.92 0.15 17.03
C PRO A 570 -3.01 1.20 18.14
N LEU A 571 -2.93 2.49 17.81
CA LEU A 571 -3.12 3.52 18.86
C LEU A 571 -4.55 3.50 19.42
N PHE A 572 -5.56 3.47 18.54
CA PHE A 572 -6.94 3.35 19.01
C PHE A 572 -7.18 2.06 19.82
N LYS A 573 -6.66 0.93 19.33
CA LYS A 573 -6.79 -0.36 20.04
C LYS A 573 -6.15 -0.33 21.41
N ASP A 574 -4.93 0.19 21.48
CA ASP A 574 -4.28 0.41 22.77
C ASP A 574 -5.09 1.32 23.72
N LEU A 575 -5.55 2.45 23.22
CA LEU A 575 -6.38 3.36 23.99
C LEU A 575 -7.70 2.72 24.47
N ALA A 576 -8.29 1.85 23.62
CA ALA A 576 -9.48 1.10 24.02
C ALA A 576 -9.17 0.06 25.10
N ALA A 577 -7.97 -0.52 25.06
CA ALA A 577 -7.61 -1.56 26.02
C ALA A 577 -7.27 -1.00 27.40
N PHE A 578 -6.96 0.28 27.48
CA PHE A 578 -6.63 0.97 28.75
C PHE A 578 -7.91 1.50 29.36
N ASP A 579 -8.30 0.96 30.51
CA ASP A 579 -9.60 1.34 31.08
C ASP A 579 -9.74 2.86 31.28
N LYS A 580 -8.65 3.54 31.61
CA LYS A 580 -8.71 5.01 31.83
C LYS A 580 -9.04 5.82 30.57
N SER A 581 -8.64 5.31 29.40
CA SER A 581 -8.86 6.04 28.14
C SER A 581 -9.95 5.40 27.25
N HIS A 582 -10.51 4.27 27.65
CA HIS A 582 -11.41 3.49 26.78
C HIS A 582 -12.60 4.33 26.31
N ASP A 583 -13.25 5.05 27.24
CA ASP A 583 -14.49 5.73 26.87
C ASP A 583 -14.17 6.90 25.94
N GLN A 584 -13.10 7.62 26.25
CA GLN A 584 -12.66 8.67 25.37
C GLN A 584 -12.24 8.17 23.98
N ALA A 585 -11.59 7.00 23.92
CA ALA A 585 -11.18 6.39 22.64
C ALA A 585 -12.42 6.14 21.76
N VAL A 586 -13.47 5.52 22.31
CA VAL A 586 -14.65 5.32 21.47
C VAL A 586 -15.41 6.59 21.10
N ARG A 587 -15.53 7.53 22.05
CA ARG A 587 -16.10 8.87 21.77
C ARG A 587 -15.37 9.61 20.64
N THR A 588 -14.04 9.60 20.71
CA THR A 588 -13.20 10.26 19.74
C THR A 588 -13.41 9.61 18.33
N TYR A 589 -13.42 8.29 18.28
CA TYR A 589 -13.69 7.62 17.00
C TYR A 589 -15.09 8.03 16.47
N GLN A 590 -16.10 7.98 17.34
CA GLN A 590 -17.48 8.29 16.95
C GLN A 590 -17.55 9.67 16.34
N GLU A 591 -16.86 10.62 16.97
CA GLU A 591 -16.84 12.02 16.55
C GLU A 591 -16.13 12.26 15.24
N HIS A 592 -15.11 11.44 14.97
CA HIS A 592 -14.26 11.61 13.78
C HIS A 592 -14.67 10.76 12.59
N LYS A 593 -15.45 9.73 12.83
CA LYS A 593 -15.62 8.69 11.80
C LYS A 593 -16.19 9.23 10.47
N ALA A 594 -17.09 10.22 10.54
CA ALA A 594 -17.72 10.74 9.31
C ALA A 594 -16.71 11.41 8.39
N SER A 595 -15.64 11.96 8.99
CA SER A 595 -14.64 12.67 8.24
C SER A 595 -13.33 11.85 8.03
N MET A 596 -13.37 10.57 8.40
CA MET A 596 -12.23 9.69 8.16
C MET A 596 -12.29 9.08 6.76
N HIS A 597 -11.17 8.53 6.30
CA HIS A 597 -11.14 7.68 5.11
C HIS A 597 -12.12 6.49 5.30
N PRO A 598 -12.89 6.16 4.25
CA PRO A 598 -13.93 5.16 4.46
C PRO A 598 -13.41 3.78 4.89
N VAL A 599 -12.23 3.38 4.42
CA VAL A 599 -11.68 2.06 4.78
C VAL A 599 -11.15 2.09 6.22
N THR A 600 -10.41 3.16 6.52
CA THR A 600 -9.94 3.37 7.88
C THR A 600 -11.09 3.43 8.88
N ALA A 601 -12.18 4.14 8.54
CA ALA A 601 -13.33 4.23 9.44
C ALA A 601 -13.88 2.84 9.67
N MET A 602 -13.95 2.04 8.59
CA MET A 602 -14.50 0.69 8.69
C MET A 602 -13.67 -0.16 9.65
N LEU A 603 -12.35 -0.14 9.48
CA LEU A 603 -11.47 -1.02 10.26
C LEU A 603 -11.32 -0.63 11.71
N VAL A 604 -11.19 0.67 11.98
CA VAL A 604 -11.14 1.15 13.37
C VAL A 604 -12.40 0.80 14.13
N GLY A 605 -13.55 0.97 13.48
CA GLY A 605 -14.86 0.57 14.06
C GLY A 605 -14.87 -0.91 14.41
N LYS A 606 -14.43 -1.78 13.49
CA LYS A 606 -14.30 -3.21 13.81
C LYS A 606 -13.30 -3.47 14.95
N ASP A 607 -12.17 -2.79 14.95
CA ASP A 607 -11.17 -2.98 16.00
C ASP A 607 -11.76 -2.64 17.39
N LEU A 608 -12.55 -1.56 17.43
CA LEU A 608 -13.11 -1.02 18.68
C LEU A 608 -14.44 -1.70 19.06
N LYS A 609 -14.94 -2.57 18.19
CA LYS A 609 -16.27 -3.19 18.36
C LYS A 609 -17.37 -2.16 18.44
N VAL A 610 -17.26 -1.11 17.62
CA VAL A 610 -18.30 -0.09 17.58
C VAL A 610 -18.80 0.01 16.15
ZN ZN B . 4.28 -2.82 -1.14
YB YB C . 19.19 -3.33 43.28
C17 00G D . -1.91 -2.31 1.02
C16 00G D . -0.68 -1.42 0.75
C15 00G D . -1.13 -0.20 -0.04
C14 00G D . -2.62 -0.36 -0.34
N13 00G D . -2.97 -1.62 0.28
C12 00G D . -4.35 -2.12 0.19
C11 00G D . -4.57 -3.52 0.79
O10 00G D . -4.49 -4.49 -0.25
C3 00G D . -4.42 -5.87 -0.10
C2 00G D . -4.08 -6.59 -1.24
C4 00G D . -4.66 -6.57 1.08
C5 00G D . -4.55 -7.98 1.11
C9 00G D . -4.74 -8.91 2.19
C8 00G D . -4.46 -10.14 1.61
N7 00G D . -4.17 -9.98 0.27
C6 00G D . -4.20 -8.67 -0.04
C1 00G D . -3.98 -7.97 -1.20
C ACT E . 16.49 -4.72 44.08
O ACT E . 17.34 -5.65 43.79
OXT ACT E . 16.87 -3.53 43.91
CH3 ACT E . 15.11 -4.92 44.62
N1 IMD F . 10.04 -5.21 15.62
C2 IMD F . 11.35 -4.86 15.48
N3 IMD F . 12.07 -5.48 16.45
C4 IMD F . 11.23 -6.22 17.21
C5 IMD F . 9.96 -6.03 16.69
N1 IMD G . 14.39 6.11 11.76
C2 IMD G . 14.14 5.06 10.92
N3 IMD G . 13.05 4.38 11.35
C4 IMD G . 12.58 4.99 12.47
C5 IMD G . 13.44 6.05 12.74
#